data_5XRA
#
_entry.id   5XRA
#
_cell.length_a   66.050
_cell.length_b   75.870
_cell.length_c   138.900
_cell.angle_alpha   90.00
_cell.angle_beta   90.00
_cell.angle_gamma   90.00
#
_symmetry.space_group_name_H-M   'P 21 2 21'
#
loop_
_entity.id
_entity.type
_entity.pdbx_description
1 polymer 'Cannabinoid receptor 1,Flavodoxin,Cannabinoid receptor 1'
2 non-polymer 'FLAVIN MONONUCLEOTIDE'
3 non-polymer (6aR,10aR)-3-(8-bromanyl-2-methyl-octan-2-yl)-6,6,9-trimethyl-6a,7,10,10a-tetrahydrobenzo[c]chromen-1-ol
4 non-polymer 'OLEIC ACID'
5 non-polymer '(2R)-2,3-dihydroxypropyl (9Z)-octadec-9-enoate'
6 non-polymer DI(HYDROXYETHYL)ETHER
7 non-polymer CHOLESTEROL
#
_entity_poly.entity_id   1
_entity_poly.type   'polypeptide(L)'
_entity_poly.pdbx_seq_one_letter_code
;GENFMDIECFMVLNPSQQLAIAVLSLTLGTFTVLENLLVLCVILHSRSLRCRPSYHFIGSLAVADLLGSVIFVYSFIDFH
VFHRKDSRNVFLFKLGGVTASFTASVGSLFLAAIDRYISIHRPLAYKRIVTRPKAVVAFCLMWTIAIVIAVLPLLGWNCE
KLQSVCSDIFPHIDKTYLMFWIGVVSVLLLFIVYAYMYILWKAHSHAVAKALIVYGSTTGNTEYTAETIARELADAGYEV
DSRDAASVEAGGLFEGFDLVLLGCSTWGDDSIELQDDFIPLFDSLEETGAQGRKVACFGCGDSSWEYFCGAVDAIEEKLK
NLGAEIVQDGLRIDGDPRAARDDIVGWAHDVRGAIPDQARMDIELAKTLVLILVVLIICWGPLLAIMVYDVFGKMNKLIK
TVFAFCSMLCLLNSTVNPIIYALRSKDLRHAFRSMFPS
;
_entity_poly.pdbx_strand_id   A
#
# COMPACT_ATOMS: atom_id res chain seq x y z
N ASP A 6 -25.54 -38.02 2.29
CA ASP A 6 -25.01 -38.76 1.14
C ASP A 6 -23.72 -38.14 0.64
N ILE A 7 -22.59 -38.84 0.84
CA ILE A 7 -21.29 -38.28 0.52
C ILE A 7 -21.14 -38.04 -0.98
N GLU A 8 -21.76 -38.88 -1.81
CA GLU A 8 -21.54 -38.84 -3.24
C GLU A 8 -22.10 -37.59 -3.90
N CYS A 9 -23.01 -36.87 -3.23
CA CYS A 9 -23.56 -35.65 -3.81
C CYS A 9 -22.55 -34.52 -3.90
N PHE A 10 -21.44 -34.63 -3.19
CA PHE A 10 -20.43 -33.59 -3.11
C PHE A 10 -19.28 -33.79 -4.08
N MET A 11 -19.39 -34.72 -5.02
CA MET A 11 -18.27 -35.19 -5.82
C MET A 11 -18.43 -34.81 -7.28
N VAL A 12 -17.37 -34.22 -7.85
CA VAL A 12 -17.26 -34.10 -9.29
C VAL A 12 -17.01 -35.49 -9.86
N LEU A 13 -17.95 -35.98 -10.66
CA LEU A 13 -17.92 -37.36 -11.11
C LEU A 13 -17.72 -37.49 -12.62
N ASN A 14 -17.59 -36.37 -13.34
CA ASN A 14 -17.33 -36.42 -14.76
C ASN A 14 -15.89 -36.86 -14.99
N PRO A 15 -15.65 -37.97 -15.70
CA PRO A 15 -14.26 -38.43 -15.89
C PRO A 15 -13.37 -37.41 -16.57
N SER A 16 -13.87 -36.69 -17.57
CA SER A 16 -13.08 -35.64 -18.19
C SER A 16 -12.76 -34.52 -17.21
N GLN A 17 -13.71 -34.23 -16.31
CA GLN A 17 -13.48 -33.19 -15.31
C GLN A 17 -12.52 -33.66 -14.22
N GLN A 18 -12.59 -34.93 -13.84
CA GLN A 18 -11.66 -35.46 -12.86
C GLN A 18 -10.22 -35.35 -13.34
N LEU A 19 -10.00 -35.60 -14.64
CA LEU A 19 -8.65 -35.52 -15.20
C LEU A 19 -8.09 -34.11 -15.08
N ALA A 20 -8.86 -33.11 -15.54
CA ALA A 20 -8.41 -31.73 -15.43
C ALA A 20 -8.14 -31.34 -13.99
N ILE A 21 -8.99 -31.78 -13.07
CA ILE A 21 -8.75 -31.55 -11.65
C ILE A 21 -7.42 -32.19 -11.23
N ALA A 22 -7.15 -33.40 -11.71
CA ALA A 22 -5.90 -34.06 -11.37
C ALA A 22 -4.71 -33.33 -11.97
N VAL A 23 -4.84 -32.87 -13.21
CA VAL A 23 -3.71 -32.23 -13.90
C VAL A 23 -3.32 -30.93 -13.20
N LEU A 24 -4.30 -30.04 -12.98
CA LEU A 24 -3.98 -28.76 -12.36
C LEU A 24 -3.46 -28.95 -10.94
N SER A 25 -4.07 -29.86 -10.18
CA SER A 25 -3.68 -30.03 -8.78
C SER A 25 -2.26 -30.56 -8.65
N LEU A 26 -1.92 -31.60 -9.42
CA LEU A 26 -0.60 -32.21 -9.30
C LEU A 26 0.49 -31.30 -9.85
N THR A 27 0.24 -30.65 -10.98
CA THR A 27 1.21 -29.72 -11.54
C THR A 27 1.49 -28.58 -10.57
N LEU A 28 0.44 -27.87 -10.15
CA LEU A 28 0.63 -26.73 -9.27
C LEU A 28 1.14 -27.15 -7.90
N GLY A 29 0.57 -28.22 -7.33
CA GLY A 29 0.98 -28.66 -6.02
C GLY A 29 2.46 -29.00 -5.94
N THR A 30 2.96 -29.72 -6.95
CA THR A 30 4.37 -30.11 -6.93
C THR A 30 5.28 -28.90 -7.09
N PHE A 31 4.96 -28.00 -8.03
CA PHE A 31 5.72 -26.77 -8.15
C PHE A 31 5.68 -25.97 -6.86
N THR A 32 4.53 -25.95 -6.20
CA THR A 32 4.41 -25.22 -4.94
C THR A 32 5.23 -25.89 -3.84
N VAL A 33 5.19 -27.22 -3.77
CA VAL A 33 5.96 -27.93 -2.75
C VAL A 33 7.46 -27.66 -2.95
N LEU A 34 7.92 -27.78 -4.20
CA LEU A 34 9.35 -27.60 -4.46
C LEU A 34 9.79 -26.15 -4.28
N GLU A 35 8.91 -25.20 -4.60
CA GLU A 35 9.24 -23.78 -4.40
C GLU A 35 9.47 -23.47 -2.93
N ASN A 36 8.43 -23.65 -2.11
CA ASN A 36 8.53 -23.30 -0.69
C ASN A 36 9.58 -24.13 0.01
N LEU A 37 9.77 -25.38 -0.40
CA LEU A 37 10.86 -26.18 0.15
C LEU A 37 12.20 -25.50 -0.08
N LEU A 38 12.42 -24.97 -1.29
CA LEU A 38 13.68 -24.29 -1.58
C LEU A 38 13.80 -23.00 -0.78
N VAL A 39 12.70 -22.26 -0.64
CA VAL A 39 12.72 -21.05 0.19
C VAL A 39 13.22 -21.38 1.58
N LEU A 40 12.64 -22.41 2.20
CA LEU A 40 13.08 -22.83 3.53
C LEU A 40 14.54 -23.26 3.52
N CYS A 41 15.02 -23.83 2.42
CA CYS A 41 16.42 -24.21 2.35
C CYS A 41 17.32 -22.99 2.36
N VAL A 42 16.96 -21.95 1.61
CA VAL A 42 17.82 -20.77 1.56
C VAL A 42 17.66 -19.91 2.81
N ILE A 43 16.51 -19.97 3.47
CA ILE A 43 16.38 -19.30 4.78
C ILE A 43 17.42 -19.85 5.75
N LEU A 44 17.48 -21.18 5.87
CA LEU A 44 18.36 -21.79 6.85
C LEU A 44 19.83 -21.63 6.48
N HIS A 45 20.15 -21.54 5.19
CA HIS A 45 21.53 -21.26 4.81
C HIS A 45 21.89 -19.80 5.10
N SER A 46 20.94 -18.88 4.87
CA SER A 46 21.20 -17.47 5.14
C SER A 46 21.44 -17.22 6.62
N ARG A 47 20.67 -17.89 7.48
CA ARG A 47 20.89 -17.76 8.91
C ARG A 47 22.24 -18.34 9.33
N SER A 48 22.82 -19.22 8.52
CA SER A 48 24.15 -19.76 8.84
C SER A 48 25.22 -18.68 8.76
N LEU A 49 25.07 -17.71 7.86
CA LEU A 49 26.13 -16.77 7.57
C LEU A 49 25.77 -15.33 7.86
N ARG A 50 24.52 -15.02 8.17
CA ARG A 50 24.08 -13.64 8.39
C ARG A 50 23.14 -13.61 9.58
N CYS A 51 23.51 -12.82 10.60
CA CYS A 51 22.74 -12.75 11.84
C CYS A 51 21.52 -11.83 11.73
N ARG A 52 21.54 -10.87 10.81
CA ARG A 52 20.64 -9.72 10.85
C ARG A 52 19.25 -9.94 10.24
N PRO A 53 19.11 -10.54 9.05
CA PRO A 53 17.77 -10.67 8.45
C PRO A 53 16.97 -11.79 9.11
N SER A 54 15.76 -11.45 9.55
CA SER A 54 14.98 -12.35 10.40
C SER A 54 14.19 -13.37 9.60
N TYR A 55 13.52 -12.94 8.52
CA TYR A 55 12.70 -13.80 7.67
C TYR A 55 11.47 -14.35 8.38
N HIS A 56 10.91 -13.58 9.33
CA HIS A 56 9.75 -14.06 10.06
C HIS A 56 8.53 -14.19 9.16
N PHE A 57 8.24 -13.16 8.37
CA PHE A 57 7.11 -13.22 7.46
C PHE A 57 7.37 -14.22 6.33
N ILE A 58 8.52 -14.10 5.68
CA ILE A 58 8.82 -14.98 4.53
C ILE A 58 8.85 -16.44 4.96
N GLY A 59 9.41 -16.73 6.13
CA GLY A 59 9.48 -18.11 6.59
C GLY A 59 8.11 -18.67 6.93
N SER A 60 7.31 -17.91 7.68
CA SER A 60 5.98 -18.37 8.07
C SER A 60 5.13 -18.69 6.85
N LEU A 61 5.14 -17.80 5.87
CA LEU A 61 4.33 -17.99 4.66
C LEU A 61 4.75 -19.27 3.94
N ALA A 62 6.04 -19.58 3.92
CA ALA A 62 6.51 -20.77 3.23
C ALA A 62 6.03 -22.05 3.92
N VAL A 63 6.07 -22.08 5.26
CA VAL A 63 5.59 -23.24 5.98
C VAL A 63 4.09 -23.43 5.74
N ALA A 64 3.32 -22.35 5.81
CA ALA A 64 1.87 -22.44 5.62
C ALA A 64 1.53 -22.98 4.23
N ASP A 65 2.23 -22.50 3.20
CA ASP A 65 1.89 -22.93 1.84
C ASP A 65 2.37 -24.34 1.58
N LEU A 66 3.53 -24.72 2.11
CA LEU A 66 4.04 -26.07 1.91
C LEU A 66 3.12 -27.10 2.55
N LEU A 67 2.72 -26.87 3.80
CA LEU A 67 1.81 -27.79 4.47
C LEU A 67 0.45 -27.81 3.79
N GLY A 68 -0.11 -26.63 3.52
CA GLY A 68 -1.45 -26.57 2.97
C GLY A 68 -1.59 -27.25 1.63
N SER A 69 -0.62 -27.00 0.73
CA SER A 69 -0.68 -27.61 -0.60
C SER A 69 -0.60 -29.13 -0.52
N VAL A 70 0.26 -29.66 0.35
CA VAL A 70 0.40 -31.10 0.46
C VAL A 70 -0.89 -31.72 0.98
N ILE A 71 -1.43 -31.19 2.08
CA ILE A 71 -2.67 -31.74 2.62
C ILE A 71 -3.81 -31.56 1.63
N PHE A 72 -3.93 -30.38 1.03
CA PHE A 72 -5.01 -30.13 0.08
C PHE A 72 -4.94 -31.10 -1.09
N VAL A 73 -3.85 -31.02 -1.87
CA VAL A 73 -3.76 -31.80 -3.10
C VAL A 73 -4.01 -33.29 -2.84
N TYR A 74 -3.48 -33.81 -1.74
CA TYR A 74 -3.70 -35.22 -1.43
C TYR A 74 -5.18 -35.49 -1.16
N SER A 75 -5.75 -34.77 -0.19
CA SER A 75 -7.16 -34.99 0.15
C SER A 75 -8.07 -34.67 -1.02
N PHE A 76 -7.73 -33.65 -1.80
CA PHE A 76 -8.55 -33.23 -2.93
C PHE A 76 -8.58 -34.29 -4.02
N ILE A 77 -7.40 -34.79 -4.42
CA ILE A 77 -7.33 -35.86 -5.41
C ILE A 77 -8.04 -37.10 -4.90
N ASP A 78 -7.84 -37.42 -3.62
CA ASP A 78 -8.42 -38.62 -3.04
C ASP A 78 -9.94 -38.56 -3.03
N PHE A 79 -10.50 -37.40 -2.75
CA PHE A 79 -11.95 -37.28 -2.64
C PHE A 79 -12.63 -37.22 -4.01
N HIS A 80 -12.10 -36.41 -4.93
CA HIS A 80 -12.77 -36.20 -6.20
C HIS A 80 -12.45 -37.24 -7.26
N VAL A 81 -11.21 -37.76 -7.27
CA VAL A 81 -10.81 -38.72 -8.29
C VAL A 81 -10.97 -40.15 -7.78
N PHE A 82 -10.73 -40.39 -6.49
CA PHE A 82 -10.81 -41.73 -5.94
C PHE A 82 -12.11 -41.99 -5.20
N HIS A 83 -12.87 -40.94 -4.85
CA HIS A 83 -14.18 -41.07 -4.21
C HIS A 83 -14.06 -41.77 -2.86
N ARG A 84 -13.07 -41.38 -2.07
CA ARG A 84 -12.96 -41.90 -0.72
C ARG A 84 -14.20 -41.52 0.07
N LYS A 85 -14.89 -42.54 0.57
CA LYS A 85 -15.99 -42.36 1.54
C LYS A 85 -15.38 -42.48 2.91
N ASP A 86 -15.20 -41.35 3.58
CA ASP A 86 -14.55 -41.31 4.88
C ASP A 86 -15.58 -41.20 5.99
N SER A 87 -15.25 -41.79 7.14
CA SER A 87 -15.97 -41.50 8.36
C SER A 87 -16.03 -40.00 8.55
N ARG A 88 -17.09 -39.53 9.20
CA ARG A 88 -17.27 -38.09 9.29
C ARG A 88 -16.07 -37.41 9.96
N ASN A 89 -15.60 -37.97 11.08
CA ASN A 89 -14.56 -37.28 11.84
C ASN A 89 -13.24 -37.27 11.09
N VAL A 90 -12.93 -38.34 10.36
CA VAL A 90 -11.67 -38.38 9.60
C VAL A 90 -11.69 -37.31 8.51
N PHE A 91 -12.82 -37.13 7.84
CA PHE A 91 -12.91 -36.10 6.81
C PHE A 91 -12.73 -34.71 7.40
N LEU A 92 -13.36 -34.45 8.54
CA LEU A 92 -13.18 -33.17 9.22
C LEU A 92 -11.73 -32.96 9.60
N PHE A 93 -11.04 -34.03 9.99
CA PHE A 93 -9.61 -33.96 10.30
C PHE A 93 -8.83 -33.45 9.09
N LYS A 94 -9.00 -34.10 7.93
CA LYS A 94 -8.32 -33.66 6.72
C LYS A 94 -8.71 -32.24 6.35
N LEU A 95 -10.01 -31.93 6.43
CA LEU A 95 -10.43 -30.56 6.20
C LEU A 95 -9.80 -29.60 7.19
N GLY A 96 -9.58 -30.07 8.43
CA GLY A 96 -9.00 -29.20 9.45
C GLY A 96 -7.59 -28.76 9.11
N GLY A 97 -6.77 -29.70 8.61
CA GLY A 97 -5.41 -29.34 8.21
C GLY A 97 -5.40 -28.29 7.13
N VAL A 98 -6.22 -28.47 6.09
CA VAL A 98 -6.29 -27.50 5.00
C VAL A 98 -6.74 -26.15 5.52
N THR A 99 -7.76 -26.14 6.38
CA THR A 99 -8.27 -24.87 6.89
C THR A 99 -7.24 -24.15 7.74
N ALA A 100 -6.54 -24.89 8.61
CA ALA A 100 -5.54 -24.27 9.47
C ALA A 100 -4.39 -23.69 8.65
N SER A 101 -3.91 -24.43 7.65
CA SER A 101 -2.75 -24.00 6.89
C SER A 101 -3.08 -22.77 6.04
N PHE A 102 -4.21 -22.82 5.32
CA PHE A 102 -4.56 -21.69 4.46
C PHE A 102 -5.02 -20.49 5.27
N THR A 103 -5.66 -20.70 6.41
CA THR A 103 -5.94 -19.59 7.31
C THR A 103 -4.65 -19.00 7.86
N ALA A 104 -3.66 -19.85 8.13
CA ALA A 104 -2.35 -19.36 8.54
C ALA A 104 -1.69 -18.55 7.43
N SER A 105 -1.92 -18.94 6.17
CA SER A 105 -1.29 -18.25 5.05
C SER A 105 -1.78 -16.82 4.94
N VAL A 106 -3.09 -16.60 5.07
CA VAL A 106 -3.61 -15.24 4.98
C VAL A 106 -3.27 -14.45 6.24
N GLY A 107 -3.17 -15.13 7.38
CA GLY A 107 -2.73 -14.44 8.59
C GLY A 107 -1.30 -13.94 8.48
N SER A 108 -0.44 -14.71 7.82
CA SER A 108 0.93 -14.24 7.58
C SER A 108 0.93 -13.01 6.69
N LEU A 109 0.16 -13.05 5.59
CA LEU A 109 -0.01 -11.85 4.78
C LEU A 109 -0.63 -10.72 5.59
N PHE A 110 -1.51 -11.06 6.53
CA PHE A 110 -2.14 -10.05 7.38
C PHE A 110 -1.12 -9.36 8.28
N LEU A 111 -0.22 -10.14 8.90
CA LEU A 111 0.76 -9.55 9.81
C LEU A 111 1.78 -8.71 9.05
N ALA A 112 2.23 -9.18 7.89
CA ALA A 112 3.14 -8.38 7.06
C ALA A 112 2.50 -7.05 6.69
N ALA A 113 1.21 -7.07 6.32
CA ALA A 113 0.50 -5.84 6.00
C ALA A 113 0.51 -4.88 7.18
N ILE A 114 0.32 -5.40 8.40
CA ILE A 114 0.36 -4.56 9.59
C ILE A 114 1.74 -3.91 9.73
N ASP A 115 2.79 -4.71 9.54
CA ASP A 115 4.16 -4.20 9.62
C ASP A 115 4.36 -3.02 8.68
N ARG A 116 3.97 -3.17 7.42
CA ARG A 116 4.17 -2.09 6.45
C ARG A 116 3.28 -0.91 6.75
N TYR A 117 2.01 -1.15 7.12
CA TYR A 117 1.10 -0.06 7.43
C TYR A 117 1.65 0.80 8.57
N ILE A 118 2.16 0.16 9.62
CA ILE A 118 2.70 0.90 10.75
C ILE A 118 3.93 1.70 10.34
N SER A 119 4.75 1.13 9.44
CA SER A 119 5.93 1.85 8.97
C SER A 119 5.55 3.18 8.32
N ILE A 120 4.50 3.19 7.51
CA ILE A 120 4.07 4.42 6.85
C ILE A 120 3.31 5.31 7.82
N HIS A 121 2.43 4.72 8.63
CA HIS A 121 1.52 5.51 9.46
C HIS A 121 2.27 6.25 10.57
N ARG A 122 3.21 5.58 11.22
CA ARG A 122 4.00 6.20 12.29
C ARG A 122 5.46 5.80 12.11
N PRO A 123 6.15 6.43 11.14
CA PRO A 123 7.52 6.00 10.82
C PRO A 123 8.50 6.16 11.96
N LEU A 124 8.33 7.19 12.80
CA LEU A 124 9.25 7.39 13.90
C LEU A 124 9.00 6.39 15.03
N ALA A 125 7.73 6.18 15.39
CA ALA A 125 7.37 5.22 16.43
C ALA A 125 7.42 3.77 15.95
N TYR A 126 7.68 3.54 14.66
CA TYR A 126 7.72 2.19 14.12
C TYR A 126 8.76 1.33 14.82
N LYS A 127 9.88 1.92 15.23
CA LYS A 127 10.95 1.15 15.85
C LYS A 127 10.59 0.66 17.24
N ARG A 128 9.55 1.23 17.86
CA ARG A 128 9.09 0.77 19.18
C ARG A 128 7.97 -0.25 19.07
N ILE A 129 7.00 -0.04 18.17
CA ILE A 129 5.83 -0.91 18.13
C ILE A 129 6.13 -2.24 17.47
N VAL A 130 7.02 -2.27 16.48
CA VAL A 130 7.39 -3.51 15.81
C VAL A 130 8.80 -3.87 16.26
N THR A 131 8.91 -4.93 17.07
CA THR A 131 10.20 -5.43 17.53
C THR A 131 10.31 -6.91 17.20
N ARG A 132 11.55 -7.38 17.15
CA ARG A 132 11.78 -8.80 16.93
C ARG A 132 11.14 -9.67 18.01
N PRO A 133 11.20 -9.33 19.31
CA PRO A 133 10.44 -10.12 20.29
C PRO A 133 8.94 -10.08 20.08
N LYS A 134 8.39 -8.91 19.75
CA LYS A 134 6.95 -8.81 19.52
C LYS A 134 6.51 -9.63 18.32
N ALA A 135 7.31 -9.63 17.25
CA ALA A 135 6.92 -10.34 16.04
C ALA A 135 6.91 -11.84 16.27
N VAL A 136 7.87 -12.37 17.02
CA VAL A 136 7.89 -13.80 17.31
C VAL A 136 6.62 -14.21 18.05
N VAL A 137 6.24 -13.43 19.07
CA VAL A 137 5.03 -13.73 19.83
C VAL A 137 3.81 -13.67 18.93
N ALA A 138 3.72 -12.65 18.09
CA ALA A 138 2.54 -12.48 17.23
C ALA A 138 2.37 -13.66 16.28
N PHE A 139 3.44 -14.03 15.57
CA PHE A 139 3.35 -15.14 14.62
C PHE A 139 2.99 -16.44 15.33
N CYS A 140 3.59 -16.67 16.51
CA CYS A 140 3.26 -17.87 17.28
C CYS A 140 1.78 -17.90 17.62
N LEU A 141 1.24 -16.77 18.12
CA LEU A 141 -0.17 -16.73 18.46
C LEU A 141 -1.06 -16.82 17.23
N MET A 142 -0.68 -16.14 16.14
CA MET A 142 -1.45 -16.22 14.91
C MET A 142 -1.59 -17.66 14.44
N TRP A 143 -0.50 -18.42 14.48
CA TRP A 143 -0.57 -19.84 14.11
C TRP A 143 -1.48 -20.61 15.06
N THR A 144 -1.42 -20.29 16.35
CA THR A 144 -2.21 -21.03 17.33
C THR A 144 -3.69 -20.80 17.12
N ILE A 145 -4.09 -19.52 16.96
CA ILE A 145 -5.50 -19.21 16.71
C ILE A 145 -5.99 -19.97 15.48
N ALA A 146 -5.18 -20.03 14.43
CA ALA A 146 -5.61 -20.68 13.20
C ALA A 146 -5.88 -22.17 13.43
N ILE A 147 -5.05 -22.82 14.24
CA ILE A 147 -5.28 -24.24 14.52
C ILE A 147 -6.56 -24.44 15.31
N VAL A 148 -6.81 -23.57 16.29
CA VAL A 148 -8.02 -23.68 17.11
C VAL A 148 -9.27 -23.44 16.27
N ILE A 149 -9.19 -22.57 15.26
CA ILE A 149 -10.37 -22.31 14.44
C ILE A 149 -10.71 -23.53 13.58
N ALA A 150 -9.72 -24.33 13.22
CA ALA A 150 -9.95 -25.50 12.38
C ALA A 150 -10.24 -26.77 13.16
N VAL A 151 -10.24 -26.72 14.49
CA VAL A 151 -10.45 -27.91 15.31
C VAL A 151 -11.88 -28.02 15.85
N LEU A 152 -12.66 -26.94 15.79
CA LEU A 152 -14.01 -26.98 16.34
C LEU A 152 -14.92 -28.01 15.65
N PRO A 153 -14.98 -28.11 14.32
CA PRO A 153 -15.82 -29.16 13.73
C PRO A 153 -15.48 -30.55 14.21
N LEU A 154 -14.19 -30.82 14.41
CA LEU A 154 -13.78 -32.10 14.97
C LEU A 154 -14.27 -32.26 16.39
N LEU A 155 -14.26 -31.17 17.17
CA LEU A 155 -14.76 -31.22 18.54
C LEU A 155 -16.28 -31.28 18.62
N GLY A 156 -16.97 -31.05 17.52
CA GLY A 156 -18.42 -31.08 17.54
C GLY A 156 -19.05 -29.75 17.20
N TRP A 157 -18.59 -29.12 16.13
CA TRP A 157 -19.32 -27.99 15.53
C TRP A 157 -19.62 -28.36 14.09
N ASN A 158 -20.31 -29.48 13.93
CA ASN A 158 -20.68 -30.06 12.65
C ASN A 158 -22.21 -30.10 12.59
N CYS A 159 -22.74 -30.38 11.39
CA CYS A 159 -24.19 -30.35 11.26
C CYS A 159 -24.82 -31.60 11.86
N GLU A 160 -24.13 -32.74 11.84
CA GLU A 160 -24.73 -33.98 12.33
C GLU A 160 -24.96 -33.92 13.84
N LYS A 161 -23.94 -33.50 14.60
CA LYS A 161 -24.12 -33.44 16.05
C LYS A 161 -25.01 -32.28 16.47
N LEU A 162 -24.92 -31.14 15.78
CA LEU A 162 -25.74 -29.98 16.09
C LEU A 162 -27.17 -30.12 15.58
N GLN A 163 -27.45 -31.11 14.74
CA GLN A 163 -28.79 -31.34 14.18
C GLN A 163 -29.29 -30.09 13.45
N SER A 164 -28.44 -29.52 12.59
CA SER A 164 -28.74 -28.30 11.87
C SER A 164 -28.55 -28.53 10.38
N VAL A 165 -28.79 -27.47 9.60
CA VAL A 165 -28.63 -27.55 8.15
C VAL A 165 -27.17 -27.77 7.80
N CYS A 166 -26.92 -28.66 6.85
CA CYS A 166 -25.57 -28.98 6.42
C CYS A 166 -25.21 -28.18 5.18
N SER A 167 -23.92 -27.88 5.05
CA SER A 167 -23.41 -27.24 3.84
C SER A 167 -23.63 -28.13 2.63
N ASP A 168 -23.94 -27.52 1.49
CA ASP A 168 -24.02 -28.25 0.24
C ASP A 168 -22.68 -28.33 -0.47
N ILE A 169 -21.75 -27.45 -0.14
CA ILE A 169 -20.41 -27.47 -0.71
C ILE A 169 -19.49 -28.42 0.07
N PHE A 170 -19.48 -28.30 1.39
CA PHE A 170 -18.62 -29.08 2.24
C PHE A 170 -19.40 -30.13 2.99
N PRO A 171 -19.00 -31.39 2.90
CA PRO A 171 -19.66 -32.43 3.68
C PRO A 171 -19.49 -32.18 5.18
N HIS A 172 -20.58 -32.43 5.93
CA HIS A 172 -20.60 -32.49 7.40
C HIS A 172 -20.40 -31.15 8.07
N ILE A 173 -20.62 -30.03 7.37
CA ILE A 173 -20.25 -28.71 7.88
C ILE A 173 -21.51 -27.92 8.18
N ASP A 174 -21.72 -27.63 9.48
CA ASP A 174 -22.75 -26.69 9.87
C ASP A 174 -22.53 -25.35 9.18
N LYS A 175 -23.62 -24.73 8.72
CA LYS A 175 -23.49 -23.49 7.97
C LYS A 175 -23.01 -22.34 8.84
N THR A 176 -23.33 -22.35 10.13
CA THR A 176 -22.92 -21.25 11.00
C THR A 176 -21.42 -21.24 11.19
N TYR A 177 -20.79 -22.40 11.31
CA TYR A 177 -19.33 -22.46 11.36
C TYR A 177 -18.72 -21.90 10.08
N LEU A 178 -19.29 -22.26 8.93
CA LEU A 178 -18.80 -21.74 7.67
C LEU A 178 -18.91 -20.22 7.62
N MET A 179 -20.06 -19.68 8.04
CA MET A 179 -20.23 -18.23 8.07
C MET A 179 -19.24 -17.58 9.03
N PHE A 180 -18.96 -18.23 10.16
CA PHE A 180 -17.96 -17.71 11.09
C PHE A 180 -16.59 -17.66 10.44
N TRP A 181 -16.21 -18.75 9.76
CA TRP A 181 -14.88 -18.80 9.15
C TRP A 181 -14.73 -17.76 8.05
N ILE A 182 -15.80 -17.50 7.30
CA ILE A 182 -15.73 -16.47 6.26
C ILE A 182 -15.45 -15.11 6.87
N GLY A 183 -16.14 -14.78 7.96
CA GLY A 183 -15.98 -13.47 8.57
C GLY A 183 -14.58 -13.22 9.08
N VAL A 184 -13.93 -14.26 9.60
CA VAL A 184 -12.56 -14.12 10.07
C VAL A 184 -11.62 -13.82 8.92
N VAL A 185 -11.72 -14.60 7.85
CA VAL A 185 -10.84 -14.41 6.70
C VAL A 185 -11.17 -13.12 5.96
N SER A 186 -12.44 -12.72 5.94
CA SER A 186 -12.83 -11.50 5.23
C SER A 186 -12.27 -10.28 5.93
N VAL A 187 -12.20 -10.30 7.26
CA VAL A 187 -11.66 -9.18 8.01
C VAL A 187 -10.16 -9.04 7.75
N LEU A 188 -9.43 -10.16 7.81
CA LEU A 188 -8.02 -10.14 7.48
C LEU A 188 -7.78 -9.62 6.08
N LEU A 189 -8.55 -10.13 5.11
CA LEU A 189 -8.33 -9.77 3.71
C LEU A 189 -8.68 -8.32 3.44
N LEU A 190 -9.75 -7.81 4.07
CA LEU A 190 -10.13 -6.43 3.83
C LEU A 190 -9.11 -5.46 4.41
N PHE A 191 -8.55 -5.77 5.58
CA PHE A 191 -7.50 -4.91 6.13
C PHE A 191 -6.29 -4.87 5.23
N ILE A 192 -5.84 -6.04 4.75
CA ILE A 192 -4.75 -6.09 3.79
C ILE A 192 -5.05 -5.22 2.58
N VAL A 193 -6.30 -5.26 2.12
CA VAL A 193 -6.72 -4.38 1.02
C VAL A 193 -6.67 -2.92 1.47
N TYR A 194 -7.24 -2.62 2.64
CA TYR A 194 -7.22 -1.25 3.14
C TYR A 194 -5.81 -0.73 3.31
N ALA A 195 -4.94 -1.53 3.94
CA ALA A 195 -3.59 -1.08 4.22
C ALA A 195 -2.85 -0.70 2.94
N TYR A 196 -2.86 -1.58 1.94
CA TYR A 196 -2.11 -1.32 0.71
C TYR A 196 -2.75 -0.23 -0.12
N MET A 197 -4.09 -0.18 -0.16
CA MET A 197 -4.75 0.94 -0.82
C MET A 197 -4.43 2.25 -0.12
N TYR A 198 -4.35 2.23 1.21
CA TYR A 198 -3.92 3.40 1.96
C TYR A 198 -2.49 3.80 1.58
N ILE A 199 -1.60 2.82 1.44
CA ILE A 199 -0.21 3.11 1.13
C ILE A 199 -0.08 3.72 -0.26
N LEU A 200 -0.84 3.20 -1.23
CA LEU A 200 -0.81 3.75 -2.57
C LEU A 200 -1.30 5.19 -2.59
N TRP A 201 -2.47 5.43 -1.97
CA TRP A 201 -2.98 6.79 -1.81
C TRP A 201 -1.93 7.69 -1.17
N LYS A 202 -1.35 7.24 -0.05
CA LYS A 202 -0.40 8.08 0.68
C LYS A 202 0.82 8.40 -0.17
N ALA A 203 1.35 7.40 -0.89
CA ALA A 203 2.52 7.64 -1.73
C ALA A 203 2.20 8.57 -2.89
N HIS A 204 0.99 8.46 -3.45
CA HIS A 204 0.64 9.27 -4.61
C HIS A 204 0.63 10.75 -4.28
N SER A 205 0.13 11.12 -3.09
CA SER A 205 0.08 12.52 -2.72
C SER A 205 1.47 13.13 -2.61
N HIS A 206 2.40 12.40 -1.99
CA HIS A 206 3.75 12.92 -1.79
C HIS A 206 4.62 12.81 -3.03
N ALA A 207 4.15 12.15 -4.09
CA ALA A 207 4.97 11.96 -5.28
C ALA A 207 5.29 13.29 -5.95
N VAL A 208 4.26 14.09 -6.25
CA VAL A 208 4.43 15.36 -6.93
C VAL A 208 4.45 16.48 -5.90
N ALA A 209 5.43 17.37 -6.01
CA ALA A 209 5.51 18.51 -5.13
C ALA A 209 4.49 19.57 -5.52
N LYS A 210 3.99 20.30 -4.52
CA LYS A 210 2.96 21.31 -4.70
C LYS A 210 3.55 22.70 -4.46
N ALA A 211 3.33 23.60 -5.41
CA ALA A 211 3.83 24.97 -5.33
C ALA A 211 2.66 25.95 -5.21
N LEU A 212 2.90 27.04 -4.48
CA LEU A 212 1.86 28.02 -4.17
C LEU A 212 2.45 29.42 -4.39
N ILE A 213 1.90 30.14 -5.37
CA ILE A 213 2.39 31.46 -5.74
C ILE A 213 1.28 32.46 -5.43
N VAL A 214 1.42 33.19 -4.34
CA VAL A 214 0.57 34.35 -4.08
C VAL A 214 1.31 35.57 -4.63
N TYR A 215 0.68 36.24 -5.59
CA TYR A 215 1.31 37.38 -6.25
C TYR A 215 0.42 38.61 -6.12
N GLY A 216 1.05 39.75 -5.89
CA GLY A 216 0.35 41.02 -5.87
C GLY A 216 0.90 42.00 -6.90
N SER A 217 0.12 42.26 -7.95
CA SER A 217 0.54 43.17 -9.01
C SER A 217 -0.59 44.13 -9.34
N THR A 218 -0.21 45.30 -9.84
CA THR A 218 -1.16 46.36 -10.18
C THR A 218 -1.34 46.52 -11.68
N THR A 219 -0.25 46.63 -12.44
CA THR A 219 -0.31 46.74 -13.89
C THR A 219 -0.04 45.40 -14.59
N GLY A 220 0.08 44.32 -13.83
CA GLY A 220 0.28 43.00 -14.40
C GLY A 220 1.72 42.57 -14.56
N ASN A 221 2.68 43.37 -14.10
CA ASN A 221 4.09 43.00 -14.26
C ASN A 221 4.44 41.81 -13.37
N THR A 222 4.13 41.90 -12.07
CA THR A 222 4.43 40.79 -11.17
C THR A 222 3.57 39.57 -11.47
N GLU A 223 2.35 39.79 -11.96
CA GLU A 223 1.54 38.67 -12.44
C GLU A 223 2.25 37.96 -13.59
N TYR A 224 2.78 38.73 -14.54
CA TYR A 224 3.52 38.13 -15.64
C TYR A 224 4.74 37.36 -15.15
N THR A 225 5.39 37.84 -14.09
CA THR A 225 6.49 37.10 -13.51
C THR A 225 6.00 35.80 -12.88
N ALA A 226 4.91 35.88 -12.12
CA ALA A 226 4.35 34.68 -11.49
C ALA A 226 3.89 33.67 -12.54
N GLU A 227 3.23 34.16 -13.60
CA GLU A 227 2.79 33.25 -14.66
C GLU A 227 3.98 32.66 -15.42
N THR A 228 5.03 33.46 -15.63
CA THR A 228 6.25 32.92 -16.23
C THR A 228 6.94 31.95 -15.28
N ILE A 229 6.85 32.18 -13.96
CA ILE A 229 7.43 31.25 -13.00
C ILE A 229 6.63 29.96 -12.94
N ALA A 230 5.31 30.07 -12.90
CA ALA A 230 4.47 28.88 -12.80
C ALA A 230 4.65 27.95 -13.98
N ARG A 231 4.89 28.51 -15.17
CA ARG A 231 5.04 27.68 -16.37
C ARG A 231 6.33 26.85 -16.32
N GLU A 232 7.39 27.40 -15.74
CA GLU A 232 8.63 26.62 -15.58
C GLU A 232 8.43 25.49 -14.59
N LEU A 233 7.66 25.73 -13.52
CA LEU A 233 7.40 24.68 -12.54
C LEU A 233 6.43 23.65 -13.08
N ALA A 234 5.57 24.03 -14.03
CA ALA A 234 4.70 23.05 -14.67
C ALA A 234 5.50 22.06 -15.50
N ASP A 235 6.58 22.52 -16.14
CA ASP A 235 7.42 21.62 -16.93
C ASP A 235 8.11 20.59 -16.04
N ALA A 236 8.57 21.00 -14.86
CA ALA A 236 9.26 20.11 -13.94
C ALA A 236 8.33 19.16 -13.20
N GLY A 237 7.02 19.28 -13.40
CA GLY A 237 6.09 18.40 -12.72
C GLY A 237 5.74 18.86 -11.32
N TYR A 238 5.40 20.13 -11.18
CA TYR A 238 4.86 20.66 -9.93
C TYR A 238 3.35 20.81 -10.06
N GLU A 239 2.69 20.86 -8.90
CA GLU A 239 1.25 21.13 -8.84
C GLU A 239 1.11 22.57 -8.36
N VAL A 240 1.07 23.49 -9.31
CA VAL A 240 1.15 24.92 -9.02
C VAL A 240 -0.26 25.50 -8.90
N ASP A 241 -0.46 26.32 -7.87
CA ASP A 241 -1.69 27.08 -7.68
C ASP A 241 -1.28 28.54 -7.48
N SER A 242 -1.37 29.34 -8.53
CA SER A 242 -0.99 30.75 -8.46
C SER A 242 -2.24 31.57 -8.16
N ARG A 243 -2.19 32.33 -7.06
CA ARG A 243 -3.33 33.10 -6.59
C ARG A 243 -3.00 34.57 -6.53
N ASP A 244 -3.86 35.39 -7.12
CA ASP A 244 -3.83 36.82 -6.88
C ASP A 244 -3.99 37.08 -5.39
N ALA A 245 -3.19 38.01 -4.86
CA ALA A 245 -3.27 38.33 -3.44
C ALA A 245 -4.59 38.98 -3.05
N ALA A 246 -5.31 39.56 -4.02
CA ALA A 246 -6.54 40.26 -3.71
C ALA A 246 -7.63 39.33 -3.18
N SER A 247 -7.50 38.02 -3.37
CA SER A 247 -8.56 37.06 -3.08
C SER A 247 -7.98 35.80 -2.43
N VAL A 248 -7.53 35.91 -1.18
CA VAL A 248 -6.97 34.75 -0.48
C VAL A 248 -7.45 34.72 0.96
N GLU A 249 -7.48 33.52 1.52
CA GLU A 249 -7.76 33.31 2.94
C GLU A 249 -6.43 33.21 3.67
N ALA A 250 -6.21 34.09 4.64
CA ALA A 250 -4.92 34.14 5.33
C ALA A 250 -4.67 32.87 6.14
N GLY A 251 -5.67 32.43 6.90
CA GLY A 251 -5.51 31.26 7.74
C GLY A 251 -5.19 29.98 6.98
N GLY A 252 -4.11 29.31 7.38
CA GLY A 252 -3.71 28.09 6.71
C GLY A 252 -3.47 28.24 5.23
N LEU A 253 -3.05 29.43 4.79
CA LEU A 253 -2.89 29.67 3.36
C LEU A 253 -1.82 28.77 2.75
N PHE A 254 -0.76 28.48 3.51
CA PHE A 254 0.33 27.68 2.99
C PHE A 254 0.19 26.20 3.33
N GLU A 255 -0.88 25.81 4.01
CA GLU A 255 -1.07 24.43 4.44
C GLU A 255 -0.94 23.46 3.29
N GLY A 256 -0.03 22.50 3.43
CA GLY A 256 0.11 21.42 2.47
C GLY A 256 0.98 21.72 1.27
N PHE A 257 1.81 22.74 1.32
CA PHE A 257 2.64 23.14 0.19
C PHE A 257 4.11 22.91 0.51
N ASP A 258 4.78 22.11 -0.34
CA ASP A 258 6.22 21.95 -0.22
C ASP A 258 6.95 23.27 -0.40
N LEU A 259 6.43 24.14 -1.27
CA LEU A 259 7.08 25.40 -1.60
C LEU A 259 6.03 26.49 -1.79
N VAL A 260 6.31 27.67 -1.25
CA VAL A 260 5.47 28.84 -1.40
C VAL A 260 6.30 29.96 -2.00
N LEU A 261 5.73 30.68 -2.96
CA LEU A 261 6.40 31.80 -3.61
C LEU A 261 5.58 33.06 -3.42
N LEU A 262 6.22 34.09 -2.87
CA LEU A 262 5.57 35.37 -2.60
C LEU A 262 6.12 36.40 -3.58
N GLY A 263 5.28 36.79 -4.53
CA GLY A 263 5.66 37.82 -5.48
C GLY A 263 4.89 39.10 -5.25
N CYS A 264 5.55 40.13 -4.75
CA CYS A 264 4.90 41.40 -4.49
C CYS A 264 5.63 42.52 -5.22
N SER A 265 4.89 43.58 -5.49
CA SER A 265 5.43 44.75 -6.16
C SER A 265 5.80 45.81 -5.12
N THR A 266 6.74 46.67 -5.49
CA THR A 266 7.23 47.72 -4.61
C THR A 266 6.63 49.05 -5.08
N TRP A 267 5.91 49.72 -4.17
CA TRP A 267 5.07 50.84 -4.57
C TRP A 267 5.20 52.07 -3.69
N GLY A 268 6.34 52.28 -3.05
CA GLY A 268 6.48 53.43 -2.18
C GLY A 268 6.72 54.74 -2.91
N ASP A 269 5.79 55.67 -2.75
CA ASP A 269 5.94 57.00 -3.33
C ASP A 269 6.93 57.85 -2.54
N ASP A 270 6.74 57.95 -1.23
CA ASP A 270 7.65 58.63 -0.32
C ASP A 270 8.63 57.65 0.32
N SER A 271 8.11 56.52 0.81
CA SER A 271 8.88 55.47 1.45
C SER A 271 8.33 54.14 0.99
N ILE A 272 9.08 53.06 1.26
CA ILE A 272 8.69 51.73 0.80
C ILE A 272 7.26 51.40 1.20
N GLU A 273 6.49 50.88 0.25
CA GLU A 273 5.12 50.42 0.49
C GLU A 273 4.85 49.18 -0.34
N LEU A 274 4.07 48.26 0.23
CA LEU A 274 3.69 47.04 -0.47
C LEU A 274 2.53 47.32 -1.43
N GLN A 275 2.35 46.40 -2.39
CA GLN A 275 1.20 46.45 -3.27
C GLN A 275 -0.08 46.28 -2.46
N ASP A 276 -1.10 47.06 -2.82
CA ASP A 276 -2.30 47.16 -1.97
C ASP A 276 -2.95 45.80 -1.75
N ASP A 277 -3.14 45.01 -2.80
CA ASP A 277 -3.81 43.73 -2.62
C ASP A 277 -2.98 42.80 -1.72
N PHE A 278 -1.66 42.96 -1.72
CA PHE A 278 -0.80 42.13 -0.89
C PHE A 278 -0.81 42.56 0.58
N ILE A 279 -1.31 43.76 0.89
CA ILE A 279 -1.16 44.29 2.23
C ILE A 279 -1.95 43.48 3.26
N PRO A 280 -3.23 43.10 3.05
CA PRO A 280 -3.90 42.33 4.11
C PRO A 280 -3.23 40.99 4.35
N LEU A 281 -2.74 40.34 3.29
CA LEU A 281 -2.01 39.09 3.47
C LEU A 281 -0.73 39.30 4.27
N PHE A 282 -0.05 40.42 4.03
CA PHE A 282 1.19 40.69 4.76
C PHE A 282 0.93 40.83 6.25
N ASP A 283 -0.14 41.53 6.63
CA ASP A 283 -0.44 41.73 8.05
C ASP A 283 -0.76 40.42 8.75
N SER A 284 -1.28 39.43 8.01
CA SER A 284 -1.75 38.19 8.61
C SER A 284 -0.77 37.03 8.38
N LEU A 285 0.53 37.33 8.24
CA LEU A 285 1.49 36.27 7.95
C LEU A 285 1.53 35.21 9.04
N GLU A 286 1.44 35.62 10.31
CA GLU A 286 1.44 34.66 11.40
C GLU A 286 0.32 33.64 11.23
N GLU A 287 -0.82 34.07 10.70
CA GLU A 287 -1.95 33.17 10.54
C GLU A 287 -1.76 32.16 9.41
N THR A 288 -0.87 32.45 8.46
CA THR A 288 -0.66 31.59 7.31
C THR A 288 0.12 30.33 7.63
N GLY A 289 0.61 30.19 8.87
CA GLY A 289 1.44 29.04 9.20
C GLY A 289 2.73 28.98 8.41
N ALA A 290 3.39 30.13 8.24
CA ALA A 290 4.61 30.17 7.45
C ALA A 290 5.77 29.43 8.12
N GLN A 291 5.68 29.19 9.42
CA GLN A 291 6.81 28.64 10.17
C GLN A 291 7.21 27.26 9.64
N GLY A 292 8.50 27.10 9.36
CA GLY A 292 9.03 25.82 8.93
C GLY A 292 8.83 25.49 7.47
N ARG A 293 8.45 26.46 6.64
CA ARG A 293 8.13 26.22 5.25
C ARG A 293 9.18 26.83 4.35
N LYS A 294 9.50 26.11 3.27
CA LYS A 294 10.44 26.62 2.27
C LYS A 294 9.78 27.71 1.44
N VAL A 295 10.35 28.91 1.45
CA VAL A 295 9.80 30.05 0.74
C VAL A 295 10.90 30.75 -0.06
N ALA A 296 10.49 31.40 -1.14
CA ALA A 296 11.32 32.34 -1.87
C ALA A 296 10.44 33.52 -2.28
N CYS A 297 11.06 34.67 -2.48
CA CYS A 297 10.34 35.89 -2.83
C CYS A 297 10.81 36.41 -4.18
N PHE A 298 9.89 37.05 -4.89
CA PHE A 298 10.22 37.75 -6.13
C PHE A 298 9.38 39.02 -6.19
N GLY A 299 9.72 39.88 -7.14
CA GLY A 299 8.99 41.13 -7.27
C GLY A 299 9.58 42.00 -8.35
N CYS A 300 8.73 42.89 -8.87
CA CYS A 300 9.09 43.86 -9.88
C CYS A 300 9.37 45.22 -9.24
N GLY A 301 10.06 46.06 -9.99
CA GLY A 301 10.42 47.38 -9.50
C GLY A 301 11.16 48.15 -10.57
N ASP A 302 11.75 49.27 -10.15
CA ASP A 302 12.49 50.13 -11.06
C ASP A 302 13.74 50.66 -10.36
N SER A 303 14.85 50.69 -11.10
CA SER A 303 16.12 51.14 -10.55
C SER A 303 16.13 52.63 -10.24
N SER A 304 15.25 53.41 -10.89
CA SER A 304 15.21 54.85 -10.66
C SER A 304 14.89 55.17 -9.21
N TRP A 305 14.06 54.36 -8.56
CA TRP A 305 13.72 54.59 -7.17
C TRP A 305 14.88 54.13 -6.29
N GLU A 306 15.10 54.88 -5.20
CA GLU A 306 16.26 54.61 -4.35
C GLU A 306 16.22 53.21 -3.77
N TYR A 307 15.05 52.75 -3.33
CA TYR A 307 14.91 51.43 -2.73
C TYR A 307 14.47 50.46 -3.82
N PHE A 308 15.44 49.81 -4.46
CA PHE A 308 15.14 48.87 -5.52
C PHE A 308 14.49 47.63 -4.93
N CYS A 309 13.21 47.43 -5.25
CA CYS A 309 12.44 46.26 -4.81
C CYS A 309 12.50 46.09 -3.29
N GLY A 310 12.21 47.18 -2.58
CA GLY A 310 12.15 47.11 -1.13
C GLY A 310 11.06 46.22 -0.59
N ALA A 311 10.02 45.97 -1.39
CA ALA A 311 8.94 45.08 -0.96
C ALA A 311 9.45 43.66 -0.73
N VAL A 312 10.36 43.20 -1.58
CA VAL A 312 10.95 41.88 -1.40
C VAL A 312 11.81 41.83 -0.14
N ASP A 313 12.32 42.98 0.31
CA ASP A 313 13.08 43.03 1.55
C ASP A 313 12.18 42.89 2.76
N ALA A 314 11.04 43.59 2.76
CA ALA A 314 10.15 43.56 3.92
C ALA A 314 9.56 42.17 4.13
N ILE A 315 9.23 41.48 3.04
CA ILE A 315 8.63 40.16 3.16
C ILE A 315 9.64 39.16 3.71
N GLU A 316 10.82 39.08 3.09
CA GLU A 316 11.83 38.14 3.54
C GLU A 316 12.25 38.42 4.98
N GLU A 317 12.17 39.67 5.42
CA GLU A 317 12.55 39.98 6.79
C GLU A 317 11.51 39.46 7.78
N LYS A 318 10.24 39.43 7.38
CA LYS A 318 9.21 38.85 8.25
C LYS A 318 9.16 37.34 8.12
N LEU A 319 9.43 36.80 6.93
CA LEU A 319 9.44 35.35 6.76
C LEU A 319 10.62 34.72 7.49
N LYS A 320 11.82 35.30 7.33
CA LYS A 320 12.98 34.79 8.05
C LYS A 320 12.83 34.99 9.55
N ASN A 321 12.05 35.99 9.97
CA ASN A 321 11.73 36.16 11.38
C ASN A 321 10.67 35.19 11.85
N LEU A 322 9.71 34.84 11.00
CA LEU A 322 8.66 33.89 11.37
C LEU A 322 9.11 32.43 11.30
N GLY A 323 10.31 32.16 10.77
CA GLY A 323 10.86 30.83 10.80
C GLY A 323 10.80 30.05 9.50
N ALA A 324 10.20 30.61 8.46
CA ALA A 324 10.21 29.95 7.16
C ALA A 324 11.63 29.95 6.60
N GLU A 325 12.04 28.80 6.05
CA GLU A 325 13.38 28.66 5.50
C GLU A 325 13.42 29.30 4.12
N ILE A 326 14.18 30.38 3.98
CA ILE A 326 14.34 30.99 2.67
C ILE A 326 15.25 30.10 1.82
N VAL A 327 14.69 29.57 0.73
CA VAL A 327 15.45 28.68 -0.13
C VAL A 327 16.53 29.46 -0.88
N GLN A 328 16.20 30.67 -1.33
CA GLN A 328 17.11 31.48 -2.09
C GLN A 328 16.76 32.95 -1.86
N ASP A 329 17.73 33.81 -2.15
CA ASP A 329 17.48 35.24 -2.04
C ASP A 329 16.47 35.68 -3.11
N GLY A 330 15.86 36.83 -2.86
CA GLY A 330 14.76 37.28 -3.68
C GLY A 330 15.15 37.48 -5.14
N LEU A 331 14.14 37.41 -6.00
CA LEU A 331 14.28 37.74 -7.40
C LEU A 331 13.80 39.17 -7.60
N ARG A 332 14.66 40.01 -8.16
CA ARG A 332 14.39 41.44 -8.28
C ARG A 332 14.49 41.85 -9.73
N ILE A 333 13.43 42.45 -10.25
CA ILE A 333 13.34 42.84 -11.65
C ILE A 333 13.20 44.36 -11.72
N ASP A 334 13.90 44.96 -12.68
CA ASP A 334 13.81 46.38 -12.95
C ASP A 334 13.24 46.57 -14.35
N GLY A 335 12.27 47.48 -14.46
CA GLY A 335 11.63 47.67 -15.74
C GLY A 335 10.72 46.50 -16.09
N ASP A 336 10.44 46.39 -17.39
CA ASP A 336 9.56 45.33 -17.88
C ASP A 336 10.18 43.97 -17.61
N PRO A 337 9.44 43.02 -17.00
CA PRO A 337 9.99 41.68 -16.80
C PRO A 337 10.17 40.90 -18.09
N ARG A 338 9.31 41.12 -19.09
CA ARG A 338 9.43 40.42 -20.37
C ARG A 338 10.84 40.53 -20.92
N ALA A 339 11.55 41.62 -20.60
CA ALA A 339 12.94 41.76 -21.03
C ALA A 339 13.85 40.76 -20.33
N ALA A 340 13.58 40.45 -19.07
CA ALA A 340 14.45 39.61 -18.26
C ALA A 340 13.96 38.16 -18.21
N ARG A 341 13.14 37.75 -19.19
CA ARG A 341 12.54 36.42 -19.15
C ARG A 341 13.57 35.33 -18.84
N ASP A 342 14.78 35.46 -19.39
CA ASP A 342 15.85 34.53 -19.06
C ASP A 342 16.17 34.55 -17.57
N ASP A 343 16.24 35.75 -16.98
CA ASP A 343 16.54 35.84 -15.55
C ASP A 343 15.42 35.24 -14.71
N ILE A 344 14.18 35.41 -15.15
CA ILE A 344 13.05 34.82 -14.43
C ILE A 344 13.11 33.29 -14.50
N VAL A 345 13.17 32.75 -15.72
CA VAL A 345 13.20 31.30 -15.89
C VAL A 345 14.49 30.73 -15.30
N GLY A 346 15.58 31.47 -15.36
CA GLY A 346 16.80 31.04 -14.68
C GLY A 346 16.62 30.98 -13.17
N TRP A 347 15.87 31.92 -12.61
CA TRP A 347 15.61 31.92 -11.18
C TRP A 347 14.82 30.69 -10.76
N ALA A 348 13.72 30.42 -11.46
CA ALA A 348 12.92 29.23 -11.18
C ALA A 348 13.80 28.00 -11.08
N HIS A 349 14.71 27.84 -12.04
CA HIS A 349 15.59 26.67 -12.04
C HIS A 349 16.44 26.60 -10.78
N ASP A 350 17.08 27.72 -10.42
CA ASP A 350 17.89 27.75 -9.20
C ASP A 350 17.06 27.42 -7.98
N VAL A 351 15.99 28.20 -7.74
CA VAL A 351 15.12 27.94 -6.59
C VAL A 351 14.54 26.54 -6.65
N ARG A 352 14.17 26.08 -7.85
CA ARG A 352 13.73 24.70 -8.01
C ARG A 352 14.85 23.73 -7.62
N GLY A 353 16.09 24.08 -7.95
CA GLY A 353 17.20 23.17 -7.69
C GLY A 353 17.39 22.90 -6.21
N ALA A 354 17.42 23.96 -5.40
CA ALA A 354 17.61 23.78 -3.97
C ALA A 354 16.40 23.09 -3.36
N ILE A 355 16.66 22.03 -2.59
CA ILE A 355 15.62 21.22 -1.98
C ILE A 355 16.26 20.21 -1.02
N MET A 361 8.72 8.51 -5.33
CA MET A 361 7.56 7.91 -5.98
C MET A 361 7.44 6.42 -5.65
N ASP A 362 8.59 5.73 -5.66
CA ASP A 362 8.66 4.29 -5.37
C ASP A 362 7.72 3.51 -6.30
N ILE A 363 7.88 3.73 -7.61
CA ILE A 363 6.99 3.11 -8.58
C ILE A 363 7.09 1.60 -8.54
N GLU A 364 8.32 1.07 -8.47
CA GLU A 364 8.51 -0.38 -8.41
C GLU A 364 7.75 -0.98 -7.23
N LEU A 365 7.75 -0.29 -6.09
CA LEU A 365 6.92 -0.71 -4.97
C LEU A 365 5.44 -0.67 -5.34
N ALA A 366 5.01 0.41 -5.98
CA ALA A 366 3.59 0.56 -6.31
C ALA A 366 3.08 -0.58 -7.17
N LYS A 367 3.86 -1.00 -8.16
CA LYS A 367 3.47 -2.13 -9.00
C LYS A 367 3.25 -3.39 -8.18
N THR A 368 4.15 -3.65 -7.21
CA THR A 368 4.04 -4.88 -6.43
C THR A 368 2.77 -4.90 -5.59
N LEU A 369 2.45 -3.78 -4.95
CA LEU A 369 1.26 -3.73 -4.10
C LEU A 369 -0.01 -3.97 -4.90
N VAL A 370 -0.13 -3.33 -6.06
CA VAL A 370 -1.30 -3.54 -6.91
C VAL A 370 -1.42 -5.00 -7.30
N LEU A 371 -0.30 -5.64 -7.64
CA LEU A 371 -0.32 -7.04 -8.04
C LEU A 371 -0.87 -7.92 -6.93
N ILE A 372 -0.43 -7.69 -5.69
CA ILE A 372 -0.92 -8.49 -4.57
C ILE A 372 -2.43 -8.37 -4.46
N LEU A 373 -2.94 -7.14 -4.50
CA LEU A 373 -4.39 -6.92 -4.43
C LEU A 373 -5.10 -7.58 -5.60
N VAL A 374 -4.54 -7.46 -6.80
CA VAL A 374 -5.13 -8.14 -7.95
C VAL A 374 -5.08 -9.65 -7.75
N VAL A 375 -3.95 -10.17 -7.25
CA VAL A 375 -3.84 -11.60 -6.97
C VAL A 375 -4.84 -12.00 -5.89
N LEU A 376 -4.88 -11.25 -4.79
CA LEU A 376 -5.79 -11.59 -3.70
C LEU A 376 -7.24 -11.58 -4.16
N ILE A 377 -7.65 -10.52 -4.84
CA ILE A 377 -9.04 -10.40 -5.27
C ILE A 377 -9.40 -11.52 -6.24
N ILE A 378 -8.45 -11.90 -7.11
CA ILE A 378 -8.73 -12.94 -8.09
C ILE A 378 -8.85 -14.30 -7.42
N CYS A 379 -8.05 -14.55 -6.38
CA CYS A 379 -7.98 -15.89 -5.79
C CYS A 379 -9.05 -16.10 -4.71
N TRP A 380 -9.07 -15.24 -3.69
CA TRP A 380 -10.00 -15.46 -2.57
C TRP A 380 -11.41 -14.98 -2.88
N GLY A 381 -11.55 -13.97 -3.73
CA GLY A 381 -12.84 -13.36 -4.02
C GLY A 381 -13.90 -14.35 -4.46
N PRO A 382 -13.73 -14.91 -5.66
CA PRO A 382 -14.73 -15.87 -6.16
C PRO A 382 -14.98 -17.05 -5.23
N LEU A 383 -13.92 -17.53 -4.58
CA LEU A 383 -14.07 -18.67 -3.67
C LEU A 383 -15.02 -18.33 -2.52
N LEU A 384 -14.76 -17.21 -1.83
CA LEU A 384 -15.58 -16.83 -0.69
C LEU A 384 -17.03 -16.58 -1.11
N ALA A 385 -17.23 -15.95 -2.28
CA ALA A 385 -18.56 -15.61 -2.73
C ALA A 385 -19.44 -16.86 -2.85
N ILE A 386 -18.90 -17.92 -3.45
CA ILE A 386 -19.66 -19.17 -3.59
C ILE A 386 -20.02 -19.72 -2.22
N MET A 387 -19.10 -19.62 -1.26
CA MET A 387 -19.40 -20.06 0.10
C MET A 387 -20.51 -19.21 0.72
N VAL A 388 -20.46 -17.89 0.51
CA VAL A 388 -21.53 -17.01 0.98
C VAL A 388 -22.87 -17.48 0.44
N TYR A 389 -22.91 -17.84 -0.85
CA TYR A 389 -24.09 -18.45 -1.45
C TYR A 389 -24.58 -19.64 -0.63
N ASP A 390 -23.68 -20.61 -0.40
CA ASP A 390 -24.05 -21.84 0.30
C ASP A 390 -24.65 -21.54 1.66
N VAL A 391 -24.16 -20.51 2.34
CA VAL A 391 -24.69 -20.15 3.65
C VAL A 391 -26.15 -19.73 3.54
N PHE A 392 -26.47 -18.94 2.52
CA PHE A 392 -27.80 -18.33 2.41
C PHE A 392 -28.72 -19.10 1.47
N GLY A 393 -28.29 -19.37 0.25
CA GLY A 393 -29.13 -19.92 -0.78
C GLY A 393 -28.97 -21.40 -0.98
N LYS A 394 -29.47 -21.87 -2.14
CA LYS A 394 -29.45 -23.28 -2.50
C LYS A 394 -28.37 -23.52 -3.56
N MET A 395 -27.73 -24.68 -3.49
CA MET A 395 -26.63 -25.02 -4.39
C MET A 395 -27.10 -26.09 -5.38
N ASN A 396 -26.91 -25.81 -6.67
CA ASN A 396 -27.16 -26.79 -7.71
C ASN A 396 -25.84 -27.44 -8.12
N LYS A 397 -25.93 -28.40 -9.04
CA LYS A 397 -24.74 -29.15 -9.45
C LYS A 397 -23.73 -28.25 -10.16
N LEU A 398 -24.19 -27.26 -10.92
CA LEU A 398 -23.27 -26.39 -11.65
C LEU A 398 -22.35 -25.64 -10.70
N ILE A 399 -22.92 -25.06 -9.64
CA ILE A 399 -22.11 -24.22 -8.75
C ILE A 399 -21.13 -25.08 -7.95
N LYS A 400 -21.60 -26.22 -7.44
CA LYS A 400 -20.69 -27.18 -6.81
C LYS A 400 -19.49 -27.45 -7.72
N THR A 401 -19.76 -27.69 -9.00
CA THR A 401 -18.70 -27.96 -9.96
C THR A 401 -17.75 -26.78 -10.08
N VAL A 402 -18.30 -25.56 -10.20
CA VAL A 402 -17.46 -24.37 -10.27
C VAL A 402 -16.57 -24.28 -9.05
N PHE A 403 -17.12 -24.59 -7.87
CA PHE A 403 -16.35 -24.46 -6.64
C PHE A 403 -15.13 -25.36 -6.65
N ALA A 404 -15.29 -26.61 -7.11
CA ALA A 404 -14.15 -27.51 -7.21
C ALA A 404 -13.04 -26.91 -8.06
N PHE A 405 -13.40 -26.30 -9.19
CA PHE A 405 -12.40 -25.64 -10.01
C PHE A 405 -11.91 -24.35 -9.36
N CYS A 406 -12.80 -23.62 -8.67
CA CYS A 406 -12.37 -22.42 -7.97
C CYS A 406 -11.50 -22.77 -6.75
N SER A 407 -11.73 -23.92 -6.13
CA SER A 407 -10.84 -24.35 -5.05
C SER A 407 -9.40 -24.44 -5.53
N MET A 408 -9.20 -24.77 -6.81
CA MET A 408 -7.87 -24.81 -7.38
C MET A 408 -7.20 -23.44 -7.39
N LEU A 409 -7.99 -22.36 -7.35
CA LEU A 409 -7.42 -21.02 -7.37
C LEU A 409 -6.50 -20.77 -6.18
N CYS A 410 -6.74 -21.46 -5.06
CA CYS A 410 -5.92 -21.25 -3.87
C CYS A 410 -4.50 -21.75 -4.08
N LEU A 411 -4.35 -22.91 -4.71
CA LEU A 411 -3.02 -23.42 -5.03
C LEU A 411 -2.20 -22.38 -5.79
N LEU A 412 -2.84 -21.75 -6.78
CA LEU A 412 -2.18 -20.71 -7.58
C LEU A 412 -1.60 -19.62 -6.67
N ASN A 413 -2.40 -19.15 -5.72
CA ASN A 413 -1.92 -18.17 -4.75
C ASN A 413 -0.68 -18.68 -4.03
N SER A 414 -0.67 -19.96 -3.65
CA SER A 414 0.49 -20.55 -3.00
C SER A 414 1.69 -20.61 -3.94
N THR A 415 1.46 -20.70 -5.25
CA THR A 415 2.56 -20.79 -6.20
C THR A 415 3.19 -19.42 -6.46
N VAL A 416 2.38 -18.36 -6.51
CA VAL A 416 2.93 -17.05 -6.82
C VAL A 416 3.49 -16.34 -5.59
N ASN A 417 3.04 -16.73 -4.39
CA ASN A 417 3.57 -16.10 -3.18
C ASN A 417 5.08 -16.19 -3.04
N PRO A 418 5.74 -17.33 -3.30
CA PRO A 418 7.21 -17.32 -3.29
C PRO A 418 7.78 -16.32 -4.27
N ILE A 419 7.12 -16.15 -5.41
CA ILE A 419 7.59 -15.22 -6.43
C ILE A 419 7.37 -13.78 -5.99
N ILE A 420 6.25 -13.51 -5.32
CA ILE A 420 5.91 -12.14 -4.96
C ILE A 420 6.85 -11.60 -3.89
N TYR A 421 7.08 -12.39 -2.84
CA TYR A 421 7.79 -11.92 -1.66
C TYR A 421 9.22 -12.45 -1.58
N ALA A 422 9.38 -13.77 -1.53
CA ALA A 422 10.71 -14.36 -1.35
C ALA A 422 11.67 -13.90 -2.44
N LEU A 423 11.24 -14.01 -3.71
CA LEU A 423 12.11 -13.59 -4.80
C LEU A 423 12.45 -12.11 -4.71
N ARG A 424 11.54 -11.28 -4.16
CA ARG A 424 11.78 -9.85 -4.07
C ARG A 424 12.73 -9.47 -2.94
N SER A 425 13.12 -10.42 -2.08
CA SER A 425 13.99 -10.11 -0.95
C SER A 425 15.45 -10.09 -1.41
N LYS A 426 16.11 -8.95 -1.19
CA LYS A 426 17.52 -8.82 -1.58
C LYS A 426 18.39 -9.82 -0.86
N ASP A 427 18.20 -9.97 0.45
CA ASP A 427 19.04 -10.86 1.24
C ASP A 427 18.95 -12.30 0.76
N LEU A 428 17.74 -12.73 0.40
CA LEU A 428 17.54 -14.10 -0.06
C LEU A 428 18.34 -14.39 -1.32
N ARG A 429 18.32 -13.47 -2.28
CA ARG A 429 19.07 -13.66 -3.52
C ARG A 429 20.57 -13.75 -3.25
N HIS A 430 21.08 -12.92 -2.35
CA HIS A 430 22.48 -13.02 -1.97
C HIS A 430 22.75 -14.35 -1.28
N ALA A 431 21.80 -14.85 -0.50
CA ALA A 431 21.97 -16.12 0.19
C ALA A 431 21.92 -17.30 -0.79
N PHE A 432 21.07 -17.20 -1.82
CA PHE A 432 21.03 -18.25 -2.82
C PHE A 432 22.34 -18.29 -3.61
N ARG A 433 22.85 -17.12 -4.02
CA ARG A 433 24.14 -17.07 -4.69
C ARG A 433 25.26 -17.56 -3.79
N SER A 434 25.10 -17.41 -2.46
CA SER A 434 26.11 -17.85 -1.52
C SER A 434 26.33 -19.35 -1.57
N MET A 435 25.31 -20.12 -1.97
CA MET A 435 25.42 -21.58 -1.98
C MET A 435 26.29 -22.10 -3.12
N PHE A 436 26.80 -21.23 -3.98
CA PHE A 436 27.64 -21.63 -5.10
C PHE A 436 29.09 -21.28 -4.82
N PRO A 437 30.03 -22.05 -5.37
CA PRO A 437 31.45 -21.76 -5.13
C PRO A 437 31.88 -20.45 -5.78
N SER A 438 32.64 -19.66 -5.03
CA SER A 438 33.10 -18.36 -5.50
C SER A 438 34.18 -17.81 -4.57
#